data_4F6S
#
_entry.id   4F6S
#
_cell.length_a   71.036
_cell.length_b   71.395
_cell.length_c   171.719
_cell.angle_alpha   90.00
_cell.angle_beta   90.00
_cell.angle_gamma   90.00
#
_symmetry.space_group_name_H-M   'P 21 21 21'
#
loop_
_entity.id
_entity.type
_entity.pdbx_description
1 polymer 'Cyclin-dependent kinase 8'
2 polymer Cyclin-C
3 non-polymer 1-[3-tert-butyl-1-(4-methylphenyl)-1H-pyrazol-5-yl]urea
4 non-polymer 1,2-ETHANEDIOL
5 non-polymer 'FORMIC ACID'
6 water water
#
loop_
_entity_poly.entity_id
_entity_poly.type
_entity_poly.pdbx_seq_one_letter_code
_entity_poly.pdbx_strand_id
1 'polypeptide(L)'
;DKMDYDFKVKLSSERERVEDLFEYEGCKVGRGTYGHVYKAKRKDGKDDKDYALKQIEGTGISMSACREIALLRELKHPNV
ISLQKVFLSHADRKVWLLFDYAEHDLWHIIKFHRASKANKKPVQLPRGMVKSLLYQILDGIHYLHANWVLHRDLKPANIL
VMGEGPERGRVKIADMGFARLFNSPLKPLADLDPVVVTFWYRAPELLLGARHYTKAIDIWAIGCIFAELLTSEPIFHCRQ
EDIKTSNPYHHDQLDRIFNVMGFPADKDWEDIKKMPEHSTLMKDFRRNTYTNCSLIKYMEKHKVKPDSKAFHLLQKLLTM
DPIKRITSEQAMQDPYFLEDPLPTSDVFAGCQIPYPKREFLTEEEPDDKGDKKNQQQQQGNNHTNGTGHPGNQDSSHTQG
PPLKK
;
A
2 'polypeptide(L)'
;DDKAMAGNFWQSSHYLQWILDKQDLLKERQKDLKFLSEEEYWKLQIFFTNVIQALGEHLKLRQQVIATATVYFKRFYARY
SLKSIDPVLMAPTCVFLASKVEEFGVVSNTRLIAAATSVLKTRFSYAFPKEFPYRMNHILECEFYLLELMDCCLIVYHPY
RPLLQYVQDMGQEDMLLPLAWRIVNDTYRTDLCLLYPPFMIALACLHVACVVQQKDARQWFAELSVDMEKILEIIRVILK
LYEQWKNFDERKEMATILSKMPKPKPPPNSEGEQGPNGSQNSSYSQS
;
B
#
# COMPACT_ATOMS: atom_id res chain seq x y z
N LYS A 2 30.21 -6.49 12.68
CA LYS A 2 29.11 -7.27 13.34
C LYS A 2 28.28 -8.08 12.33
N MET A 3 28.15 -7.54 11.13
CA MET A 3 27.50 -8.23 10.00
C MET A 3 28.54 -9.04 9.24
N ASP A 4 28.14 -10.18 8.68
CA ASP A 4 29.09 -11.07 7.98
C ASP A 4 29.71 -10.39 6.76
N TYR A 5 31.02 -10.48 6.67
CA TYR A 5 31.80 -9.76 5.65
C TYR A 5 31.57 -10.31 4.24
N ASP A 6 31.54 -11.63 4.10
CA ASP A 6 31.37 -12.25 2.79
C ASP A 6 30.01 -11.88 2.22
N PHE A 7 29.01 -12.06 3.06
CA PHE A 7 27.65 -11.61 2.78
C PHE A 7 27.62 -10.14 2.34
N LYS A 8 28.27 -9.26 3.10
CA LYS A 8 28.26 -7.83 2.76
C LYS A 8 28.90 -7.56 1.40
N VAL A 9 30.13 -8.02 1.21
CA VAL A 9 30.84 -7.74 -0.04
C VAL A 9 30.15 -8.40 -1.26
N LYS A 10 29.56 -9.57 -1.07
CA LYS A 10 28.84 -10.21 -2.18
C LYS A 10 27.58 -9.42 -2.59
N LEU A 11 26.75 -9.01 -1.63
CA LEU A 11 25.57 -8.20 -1.95
C LEU A 11 25.96 -6.85 -2.56
N SER A 12 27.01 -6.24 -2.02
CA SER A 12 27.50 -4.96 -2.56
C SER A 12 27.94 -5.09 -4.01
N SER A 13 28.55 -6.23 -4.34
CA SER A 13 28.99 -6.53 -5.70
C SER A 13 27.81 -6.67 -6.65
N GLU A 14 26.76 -7.36 -6.23
CA GLU A 14 25.61 -7.65 -7.09
C GLU A 14 24.59 -6.52 -7.16
N ARG A 15 24.69 -5.55 -6.26
CA ARG A 15 23.67 -4.50 -6.16
C ARG A 15 23.70 -3.55 -7.36
N GLU A 16 22.59 -3.51 -8.09
CA GLU A 16 22.40 -2.56 -9.18
C GLU A 16 22.27 -1.15 -8.60
N ARG A 17 23.11 -0.24 -9.09
CA ARG A 17 23.11 1.15 -8.61
C ARG A 17 22.48 2.07 -9.67
N VAL A 18 21.59 2.94 -9.23
CA VAL A 18 20.83 3.81 -10.14
C VAL A 18 21.75 4.62 -11.07
N GLU A 19 22.87 5.11 -10.55
CA GLU A 19 23.82 5.90 -11.35
C GLU A 19 24.53 5.09 -12.45
N ASP A 20 24.63 3.77 -12.25
CA ASP A 20 25.25 2.88 -13.22
C ASP A 20 24.27 2.40 -14.30
N LEU A 21 23.00 2.22 -13.95
CA LEU A 21 22.02 1.73 -14.94
C LEU A 21 21.39 2.81 -15.82
N PHE A 22 21.35 4.05 -15.35
CA PHE A 22 20.51 5.08 -15.97
C PHE A 22 21.20 6.40 -16.18
N GLU A 23 20.93 7.00 -17.34
CA GLU A 23 21.39 8.33 -17.70
C GLU A 23 20.29 9.32 -17.38
N TYR A 24 20.55 10.22 -16.43
CA TYR A 24 19.51 11.18 -15.96
C TYR A 24 20.03 12.55 -15.50
N GLU A 25 21.35 12.72 -15.37
CA GLU A 25 21.92 14.00 -14.93
C GLU A 25 21.48 15.11 -15.88
N GLY A 26 20.82 16.13 -15.34
CA GLY A 26 20.36 17.28 -16.13
C GLY A 26 18.96 17.12 -16.71
N CYS A 27 18.33 15.98 -16.47
CA CYS A 27 17.02 15.67 -17.06
C CYS A 27 15.89 15.71 -16.03
N LYS A 28 15.95 16.65 -15.10
CA LYS A 28 14.94 16.78 -14.06
C LYS A 28 13.65 17.37 -14.63
N VAL A 29 12.53 16.66 -14.52
CA VAL A 29 11.24 17.12 -15.06
C VAL A 29 10.21 17.50 -13.99
N GLY A 30 10.51 17.23 -12.72
CA GLY A 30 9.58 17.51 -11.62
C GLY A 30 10.25 17.70 -10.28
N ARG A 31 9.65 18.53 -9.44
CA ARG A 31 10.16 18.81 -8.10
C ARG A 31 9.01 19.21 -7.19
N GLY A 32 8.88 18.53 -6.06
CA GLY A 32 7.78 18.82 -5.13
C GLY A 32 7.96 18.30 -3.72
N THR A 33 6.86 18.24 -2.99
CA THR A 33 6.81 17.72 -1.63
C THR A 33 7.37 16.30 -1.54
N TYR A 34 7.03 15.47 -2.53
CA TYR A 34 7.43 14.07 -2.55
C TYR A 34 8.88 13.83 -3.01
N GLY A 35 9.46 14.82 -3.67
CA GLY A 35 10.83 14.72 -4.17
C GLY A 35 10.95 14.89 -5.68
N HIS A 36 12.16 14.65 -6.17
CA HIS A 36 12.52 15.00 -7.55
C HIS A 36 12.26 13.86 -8.54
N VAL A 37 11.74 14.19 -9.72
CA VAL A 37 11.46 13.21 -10.77
C VAL A 37 12.28 13.53 -12.01
N TYR A 38 13.04 12.55 -12.51
CA TYR A 38 13.87 12.73 -13.70
C TYR A 38 13.39 11.89 -14.87
N LYS A 39 13.54 12.42 -16.09
CA LYS A 39 13.36 11.66 -17.32
C LYS A 39 14.67 10.92 -17.57
N ALA A 40 14.63 9.60 -17.60
CA ALA A 40 15.84 8.80 -17.63
C ALA A 40 15.90 7.87 -18.84
N LYS A 41 17.10 7.65 -19.36
CA LYS A 41 17.34 6.66 -20.40
C LYS A 41 18.29 5.61 -19.86
N ARG A 42 18.16 4.38 -20.33
CA ARG A 42 19.10 3.30 -19.99
C ARG A 42 20.46 3.53 -20.64
N LYS A 43 21.54 3.39 -19.86
CA LYS A 43 22.90 3.55 -20.36
C LYS A 43 23.29 2.39 -21.28
N ASP A 44 23.16 1.17 -20.75
CA ASP A 44 23.30 -0.04 -21.55
C ASP A 44 22.05 -0.17 -22.41
N GLY A 45 22.18 0.14 -23.70
CA GLY A 45 21.02 0.39 -24.58
C GLY A 45 20.20 -0.83 -24.99
N LYS A 46 19.71 -1.58 -24.00
CA LYS A 46 18.87 -2.74 -24.25
C LYS A 46 17.41 -2.35 -24.57
N ASP A 47 16.92 -1.30 -23.90
CA ASP A 47 15.54 -0.85 -24.10
C ASP A 47 15.46 0.37 -25.02
N ASP A 48 16.16 1.44 -24.66
CA ASP A 48 16.09 2.69 -25.41
C ASP A 48 14.71 3.38 -25.31
N LYS A 49 13.99 3.13 -24.22
CA LYS A 49 12.70 3.77 -23.95
C LYS A 49 12.84 4.72 -22.77
N ASP A 50 11.95 5.70 -22.66
CA ASP A 50 12.03 6.71 -21.60
C ASP A 50 11.48 6.19 -20.28
N TYR A 51 12.14 6.52 -19.17
CA TYR A 51 11.66 6.17 -17.83
C TYR A 51 11.60 7.39 -16.90
N ALA A 52 10.74 7.30 -15.89
CA ALA A 52 10.67 8.30 -14.84
C ALA A 52 11.42 7.79 -13.62
N LEU A 53 12.40 8.57 -13.15
CA LEU A 53 13.14 8.26 -11.91
C LEU A 53 12.73 9.21 -10.79
N LYS A 54 12.10 8.70 -9.74
CA LYS A 54 11.78 9.52 -8.58
C LYS A 54 12.76 9.26 -7.44
N GLN A 55 13.42 10.32 -6.96
CA GLN A 55 14.19 10.24 -5.73
C GLN A 55 13.30 10.76 -4.59
N ILE A 56 13.02 9.90 -3.62
CA ILE A 56 12.08 10.25 -2.56
C ILE A 56 12.71 11.28 -1.63
N GLU A 57 11.97 12.35 -1.35
CA GLU A 57 12.38 13.37 -0.38
C GLU A 57 12.74 12.75 0.96
N GLY A 58 13.77 13.30 1.60
CA GLY A 58 14.22 12.81 2.89
C GLY A 58 15.22 11.69 2.73
N THR A 59 15.47 11.00 3.84
CA THR A 59 16.43 9.90 3.90
C THR A 59 15.76 8.66 4.49
N GLY A 60 16.30 7.49 4.16
CA GLY A 60 15.87 6.22 4.74
C GLY A 60 14.43 5.84 4.39
N ILE A 61 13.91 4.87 5.13
CA ILE A 61 12.56 4.37 4.90
C ILE A 61 11.61 5.17 5.78
N SER A 62 11.10 6.27 5.24
CA SER A 62 10.19 7.11 6.00
C SER A 62 8.81 6.49 5.92
N MET A 63 7.94 6.95 6.79
CA MET A 63 6.55 6.54 6.77
C MET A 63 5.99 6.62 5.36
N SER A 64 6.21 7.75 4.70
CA SER A 64 5.66 7.98 3.37
C SER A 64 6.37 7.15 2.30
N ALA A 65 7.68 7.02 2.41
CA ALA A 65 8.43 6.17 1.49
C ALA A 65 7.92 4.73 1.59
N CYS A 66 7.79 4.26 2.82
CA CYS A 66 7.33 2.91 3.11
C CYS A 66 5.92 2.65 2.57
N ARG A 67 5.07 3.67 2.54
CA ARG A 67 3.70 3.53 2.03
C ARG A 67 3.65 3.45 0.51
N GLU A 68 4.41 4.31 -0.17
CA GLU A 68 4.44 4.31 -1.63
C GLU A 68 4.96 2.97 -2.12
N ILE A 69 6.02 2.46 -1.49
CA ILE A 69 6.60 1.19 -1.93
C ILE A 69 5.61 0.05 -1.65
N ALA A 70 5.10 -0.03 -0.43
CA ALA A 70 4.18 -1.09 -0.06
C ALA A 70 3.04 -1.21 -1.08
N LEU A 71 2.40 -0.09 -1.38
CA LEU A 71 1.22 -0.08 -2.26
C LEU A 71 1.60 -0.35 -3.71
N LEU A 72 2.48 0.47 -4.27
CA LEU A 72 2.82 0.38 -5.69
C LEU A 72 3.43 -0.96 -6.08
N ARG A 73 4.07 -1.63 -5.13
CA ARG A 73 4.56 -2.98 -5.34
C ARG A 73 3.43 -3.99 -5.60
N GLU A 74 2.22 -3.69 -5.13
CA GLU A 74 1.06 -4.60 -5.27
C GLU A 74 0.10 -4.22 -6.40
N LEU A 75 -0.12 -2.93 -6.63
CA LEU A 75 -1.13 -2.49 -7.59
C LEU A 75 -0.75 -2.82 -9.02
N LYS A 76 -1.74 -3.28 -9.79
CA LYS A 76 -1.55 -3.66 -11.19
C LYS A 76 -2.81 -3.33 -11.98
N HIS A 77 -2.76 -2.24 -12.73
CA HIS A 77 -3.89 -1.84 -13.61
C HIS A 77 -3.36 -0.88 -14.68
N PRO A 78 -3.83 -1.04 -15.94
CA PRO A 78 -3.39 -0.19 -17.05
C PRO A 78 -3.54 1.32 -16.83
N ASN A 79 -4.49 1.72 -15.97
CA ASN A 79 -4.76 3.13 -15.73
C ASN A 79 -4.23 3.66 -14.39
N VAL A 80 -3.30 2.92 -13.79
CA VAL A 80 -2.57 3.37 -12.61
C VAL A 80 -1.07 3.26 -12.85
N ILE A 81 -0.32 4.26 -12.42
CA ILE A 81 1.14 4.29 -12.58
C ILE A 81 1.79 3.03 -11.98
N SER A 82 2.68 2.38 -12.73
CA SER A 82 3.33 1.12 -12.30
C SER A 82 4.77 1.36 -11.85
N LEU A 83 5.11 0.80 -10.69
CA LEU A 83 6.48 0.76 -10.20
C LEU A 83 7.23 -0.34 -10.91
N GLN A 84 8.32 0.01 -11.59
CA GLN A 84 9.12 -0.94 -12.35
C GLN A 84 10.24 -1.52 -11.50
N LYS A 85 10.86 -0.68 -10.68
CA LYS A 85 12.02 -1.10 -9.90
C LYS A 85 12.28 -0.13 -8.73
N VAL A 86 12.93 -0.64 -7.69
CA VAL A 86 13.29 0.15 -6.52
C VAL A 86 14.78 0.04 -6.23
N PHE A 87 15.48 1.17 -6.16
CA PHE A 87 16.90 1.20 -5.81
C PHE A 87 17.10 1.77 -4.43
N LEU A 88 17.73 1.00 -3.55
CA LEU A 88 18.16 1.50 -2.26
C LEU A 88 19.65 1.87 -2.36
N SER A 89 19.96 3.12 -2.04
CA SER A 89 21.33 3.63 -2.13
C SER A 89 21.91 3.70 -0.72
N HIS A 90 22.77 2.73 -0.40
CA HIS A 90 23.29 2.56 0.96
C HIS A 90 24.19 3.71 1.38
N ALA A 91 24.92 4.29 0.43
CA ALA A 91 25.86 5.36 0.74
C ALA A 91 25.18 6.58 1.38
N ASP A 92 24.08 7.02 0.78
CA ASP A 92 23.40 8.26 1.20
C ASP A 92 21.97 8.01 1.72
N ARG A 93 21.60 6.74 1.84
CA ARG A 93 20.27 6.32 2.32
C ARG A 93 19.07 6.81 1.48
N LYS A 94 19.31 7.22 0.24
CA LYS A 94 18.24 7.69 -0.63
C LYS A 94 17.55 6.51 -1.30
N VAL A 95 16.23 6.62 -1.47
CA VAL A 95 15.45 5.62 -2.20
C VAL A 95 15.07 6.19 -3.56
N TRP A 96 15.19 5.37 -4.60
CA TRP A 96 14.85 5.77 -5.95
C TRP A 96 13.78 4.82 -6.50
N LEU A 97 12.73 5.38 -7.11
CA LEU A 97 11.68 4.55 -7.72
C LEU A 97 11.64 4.75 -9.22
N LEU A 98 11.58 3.62 -9.94
CA LEU A 98 11.59 3.63 -11.40
C LEU A 98 10.17 3.41 -11.91
N PHE A 99 9.66 4.40 -12.64
CA PHE A 99 8.32 4.31 -13.22
C PHE A 99 8.45 4.45 -14.71
N ASP A 100 7.38 4.14 -15.43
CA ASP A 100 7.43 4.32 -16.88
C ASP A 100 7.09 5.79 -17.13
N TYR A 101 7.59 6.31 -18.24
CA TYR A 101 7.54 7.74 -18.49
C TYR A 101 6.25 8.14 -19.20
N ALA A 102 5.52 9.05 -18.56
CA ALA A 102 4.34 9.66 -19.17
C ALA A 102 4.68 11.09 -19.61
N GLU A 103 4.60 11.31 -20.92
CA GLU A 103 4.99 12.58 -21.53
C GLU A 103 4.00 13.69 -21.21
N HIS A 104 2.73 13.33 -21.06
CA HIS A 104 1.67 14.34 -20.91
C HIS A 104 0.89 14.16 -19.62
N ASP A 105 0.09 15.18 -19.32
CA ASP A 105 -0.83 15.15 -18.21
C ASP A 105 -1.89 16.20 -18.43
N LEU A 106 -2.98 16.12 -17.68
CA LEU A 106 -4.14 16.98 -17.94
C LEU A 106 -3.93 18.45 -17.61
N TRP A 107 -2.96 18.76 -16.74
CA TRP A 107 -2.64 20.15 -16.40
C TRP A 107 -2.14 20.88 -17.63
N HIS A 108 -1.14 20.31 -18.30
CA HIS A 108 -0.58 20.89 -19.52
C HIS A 108 -1.52 20.80 -20.70
N ILE A 109 -2.21 19.65 -20.85
CA ILE A 109 -3.16 19.50 -21.95
C ILE A 109 -4.27 20.55 -21.88
N ILE A 110 -4.86 20.73 -20.70
CA ILE A 110 -5.92 21.73 -20.52
C ILE A 110 -5.37 23.16 -20.65
N LYS A 111 -4.19 23.43 -20.09
CA LYS A 111 -3.55 24.75 -20.21
C LYS A 111 -3.25 25.11 -21.66
N PHE A 112 -2.94 24.10 -22.47
CA PHE A 112 -2.64 24.27 -23.91
C PHE A 112 -3.89 24.63 -24.69
N HIS A 113 -5.02 24.03 -24.32
CA HIS A 113 -6.31 24.32 -24.96
C HIS A 113 -6.90 25.66 -24.50
N ARG A 114 -6.72 26.00 -23.22
CA ARG A 114 -7.17 27.30 -22.69
C ARG A 114 -6.33 28.46 -23.23
N ALA A 115 -5.13 28.16 -23.74
CA ALA A 115 -4.28 29.18 -24.38
C ALA A 115 -4.83 29.56 -25.75
N SER A 116 -5.38 28.59 -26.46
CA SER A 116 -5.92 28.80 -27.81
C SER A 116 -7.19 29.65 -27.80
N LEU A 125 -10.62 17.86 -28.31
CA LEU A 125 -10.36 18.21 -29.71
C LEU A 125 -10.91 17.15 -30.69
N PRO A 126 -10.33 15.94 -30.69
CA PRO A 126 -10.91 14.84 -31.47
C PRO A 126 -12.24 14.38 -30.89
N ARG A 127 -13.06 13.72 -31.71
CA ARG A 127 -14.31 13.14 -31.22
C ARG A 127 -14.00 12.10 -30.13
N GLY A 128 -14.39 12.42 -28.90
CA GLY A 128 -14.33 11.47 -27.79
C GLY A 128 -13.04 11.39 -27.02
N MET A 129 -12.25 12.46 -27.00
CA MET A 129 -11.07 12.51 -26.14
C MET A 129 -11.49 12.81 -24.69
N VAL A 130 -12.45 13.72 -24.51
CA VAL A 130 -12.99 14.05 -23.20
C VAL A 130 -13.61 12.82 -22.53
N LYS A 131 -14.45 12.12 -23.29
CA LYS A 131 -15.14 10.93 -22.82
C LYS A 131 -14.16 9.81 -22.49
N SER A 132 -13.16 9.64 -23.35
CA SER A 132 -12.16 8.61 -23.13
C SER A 132 -11.34 8.86 -21.86
N LEU A 133 -10.83 10.09 -21.73
CA LEU A 133 -10.14 10.52 -20.52
C LEU A 133 -10.98 10.25 -19.26
N LEU A 134 -12.24 10.69 -19.27
CA LEU A 134 -13.14 10.41 -18.16
C LEU A 134 -13.24 8.91 -17.86
N TYR A 135 -13.40 8.09 -18.89
CA TYR A 135 -13.63 6.65 -18.71
C TYR A 135 -12.43 5.95 -18.07
N GLN A 136 -11.23 6.24 -18.59
CA GLN A 136 -10.01 5.64 -18.09
C GLN A 136 -9.69 6.09 -16.67
N ILE A 137 -9.98 7.35 -16.36
CA ILE A 137 -9.85 7.88 -14.99
C ILE A 137 -10.75 7.07 -14.04
N LEU A 138 -12.03 6.96 -14.38
CA LEU A 138 -12.97 6.15 -13.60
C LEU A 138 -12.51 4.70 -13.45
N ASP A 139 -11.93 4.13 -14.51
CA ASP A 139 -11.53 2.73 -14.49
C ASP A 139 -10.43 2.48 -13.44
N GLY A 140 -9.47 3.40 -13.37
CA GLY A 140 -8.33 3.27 -12.49
C GLY A 140 -8.71 3.52 -11.05
N ILE A 141 -9.48 4.58 -10.81
CA ILE A 141 -10.02 4.87 -9.49
C ILE A 141 -10.90 3.72 -8.99
N HIS A 142 -11.70 3.14 -9.87
CA HIS A 142 -12.47 1.98 -9.51
C HIS A 142 -11.57 0.84 -9.01
N TYR A 143 -10.48 0.58 -9.72
CA TYR A 143 -9.53 -0.45 -9.33
C TYR A 143 -8.96 -0.17 -7.94
N LEU A 144 -8.53 1.07 -7.72
CA LEU A 144 -8.00 1.48 -6.41
C LEU A 144 -9.06 1.36 -5.29
N HIS A 145 -10.25 1.85 -5.58
CA HIS A 145 -11.35 1.82 -4.62
C HIS A 145 -11.78 0.39 -4.24
N ALA A 146 -11.76 -0.52 -5.21
CA ALA A 146 -12.07 -1.92 -4.95
C ALA A 146 -11.06 -2.53 -3.99
N ASN A 147 -9.80 -2.07 -4.08
CA ASN A 147 -8.73 -2.48 -3.16
C ASN A 147 -8.60 -1.58 -1.91
N TRP A 148 -9.61 -0.73 -1.69
CA TRP A 148 -9.65 0.20 -0.56
C TRP A 148 -8.45 1.13 -0.49
N VAL A 149 -8.03 1.62 -1.66
CA VAL A 149 -6.98 2.62 -1.76
C VAL A 149 -7.65 3.90 -2.24
N LEU A 150 -7.57 4.96 -1.44
CA LEU A 150 -8.11 6.26 -1.81
C LEU A 150 -6.97 7.12 -2.35
N HIS A 151 -7.27 7.94 -3.35
CA HIS A 151 -6.25 8.83 -3.89
C HIS A 151 -6.00 10.00 -2.93
N ARG A 152 -7.06 10.73 -2.60
CA ARG A 152 -7.02 11.83 -1.60
C ARG A 152 -6.43 13.14 -2.13
N ASP A 153 -6.01 13.17 -3.38
CA ASP A 153 -5.58 14.42 -4.02
C ASP A 153 -5.67 14.35 -5.55
N LEU A 154 -6.82 13.93 -6.04
CA LEU A 154 -7.10 13.91 -7.47
C LEU A 154 -7.19 15.32 -8.06
N LYS A 155 -6.38 15.57 -9.08
CA LYS A 155 -6.39 16.83 -9.82
C LYS A 155 -5.73 16.61 -11.21
N PRO A 156 -6.01 17.51 -12.18
CA PRO A 156 -5.42 17.38 -13.51
C PRO A 156 -3.92 17.03 -13.56
N ALA A 157 -3.10 17.62 -12.68
CA ALA A 157 -1.66 17.33 -12.67
C ALA A 157 -1.32 15.88 -12.29
N ASN A 158 -2.25 15.19 -11.64
CA ASN A 158 -2.06 13.79 -11.24
C ASN A 158 -2.69 12.79 -12.20
N ILE A 159 -3.35 13.28 -13.24
CA ILE A 159 -3.83 12.43 -14.33
C ILE A 159 -2.78 12.49 -15.45
N LEU A 160 -1.86 11.53 -15.47
CA LEU A 160 -0.84 11.47 -16.50
C LEU A 160 -1.42 10.82 -17.75
N VAL A 161 -0.86 11.13 -18.93
CA VAL A 161 -1.26 10.53 -20.21
C VAL A 161 -0.03 10.18 -21.04
N MET A 162 0.06 8.92 -21.47
CA MET A 162 1.27 8.41 -22.15
C MET A 162 1.43 8.97 -23.55
N GLY A 163 2.68 9.24 -23.92
CA GLY A 163 3.03 9.77 -25.23
C GLY A 163 3.26 8.65 -26.22
N GLU A 164 4.04 8.92 -27.26
CA GLU A 164 4.30 7.94 -28.30
C GLU A 164 4.94 6.69 -27.72
N GLY A 165 4.60 5.53 -28.29
CA GLY A 165 5.00 4.23 -27.77
C GLY A 165 3.82 3.28 -27.70
N PRO A 166 4.03 2.09 -27.13
CA PRO A 166 2.99 1.05 -27.03
C PRO A 166 1.72 1.45 -26.26
N GLU A 167 1.83 2.36 -25.30
CA GLU A 167 0.67 2.78 -24.49
C GLU A 167 0.18 4.17 -24.87
N ARG A 168 0.29 4.51 -26.15
CA ARG A 168 -0.07 5.83 -26.68
C ARG A 168 -1.48 6.24 -26.28
N GLY A 169 -1.60 7.34 -25.56
CA GLY A 169 -2.90 7.91 -25.19
C GLY A 169 -3.61 7.24 -24.03
N ARG A 170 -2.91 6.36 -23.32
CA ARG A 170 -3.50 5.71 -22.15
C ARG A 170 -3.27 6.57 -20.92
N VAL A 171 -4.33 6.77 -20.14
CA VAL A 171 -4.28 7.54 -18.90
C VAL A 171 -3.57 6.73 -17.81
N LYS A 172 -2.67 7.37 -17.07
CA LYS A 172 -2.03 6.77 -15.90
C LYS A 172 -2.29 7.65 -14.68
N ILE A 173 -3.10 7.16 -13.73
CA ILE A 173 -3.31 7.89 -12.48
C ILE A 173 -2.03 7.85 -11.64
N ALA A 174 -1.67 8.99 -11.07
CA ALA A 174 -0.45 9.12 -10.28
C ALA A 174 -0.68 10.03 -9.09
N ASP A 175 0.32 10.13 -8.22
CA ASP A 175 0.28 11.09 -7.11
C ASP A 175 1.62 11.79 -7.08
N MET A 176 1.67 12.97 -7.71
CA MET A 176 2.91 13.72 -7.92
C MET A 176 3.28 14.69 -6.79
N GLY A 177 2.35 14.95 -5.88
CA GLY A 177 2.55 15.92 -4.81
C GLY A 177 2.22 17.35 -5.22
N PHE A 178 2.85 18.31 -4.56
CA PHE A 178 2.63 19.74 -4.82
C PHE A 178 3.96 20.38 -5.26
N ALA A 179 3.90 21.21 -6.30
CA ALA A 179 5.10 21.85 -6.87
C ALA A 179 5.59 23.00 -6.00
N VAL A 197 -0.63 24.71 -2.31
CA VAL A 197 -1.85 23.95 -2.48
C VAL A 197 -3.04 24.84 -2.87
N THR A 198 -3.99 24.26 -3.59
CA THR A 198 -5.27 24.93 -3.90
C THR A 198 -6.44 23.97 -3.61
N PHE A 199 -7.61 24.53 -3.34
CA PHE A 199 -8.75 23.74 -2.88
C PHE A 199 -9.84 23.56 -3.95
N TRP A 200 -9.46 23.80 -5.21
CA TRP A 200 -10.44 23.78 -6.32
C TRP A 200 -11.10 22.43 -6.53
N TYR A 201 -10.44 21.36 -6.12
CA TYR A 201 -10.92 20.00 -6.38
C TYR A 201 -11.41 19.30 -5.10
N ARG A 202 -11.65 20.08 -4.06
CA ARG A 202 -11.89 19.57 -2.73
C ARG A 202 -13.39 19.56 -2.37
N ALA A 203 -13.90 18.39 -2.00
CA ALA A 203 -15.33 18.19 -1.72
C ALA A 203 -15.81 19.12 -0.61
N PRO A 204 -17.08 19.58 -0.70
CA PRO A 204 -17.58 20.51 0.31
C PRO A 204 -17.51 19.96 1.75
N GLU A 205 -17.65 18.65 1.91
CA GLU A 205 -17.54 18.08 3.25
C GLU A 205 -16.16 18.28 3.88
N LEU A 206 -15.09 18.18 3.08
CA LEU A 206 -13.75 18.46 3.60
C LEU A 206 -13.64 19.92 4.04
N LEU A 207 -14.24 20.82 3.26
CA LEU A 207 -14.21 22.26 3.56
C LEU A 207 -15.04 22.59 4.80
N LEU A 208 -15.98 21.72 5.15
CA LEU A 208 -16.77 21.89 6.37
C LEU A 208 -16.28 21.00 7.51
N GLY A 209 -15.04 20.53 7.40
CA GLY A 209 -14.34 19.93 8.54
C GLY A 209 -14.42 18.43 8.69
N ALA A 210 -14.84 17.71 7.65
CA ALA A 210 -14.87 16.25 7.70
C ALA A 210 -13.48 15.72 8.07
N ARG A 211 -13.45 14.76 8.98
CA ARG A 211 -12.20 14.28 9.56
C ARG A 211 -11.50 13.24 8.68
N HIS A 212 -12.27 12.50 7.88
CA HIS A 212 -11.74 11.37 7.13
C HIS A 212 -11.90 11.51 5.62
N TYR A 213 -10.96 10.93 4.88
CA TYR A 213 -11.07 10.83 3.42
C TYR A 213 -11.94 9.63 3.04
N THR A 214 -12.70 9.79 1.95
CA THR A 214 -13.68 8.77 1.51
C THR A 214 -13.57 8.57 0.01
N LYS A 215 -14.18 7.49 -0.48
CA LYS A 215 -14.30 7.24 -1.91
C LYS A 215 -15.04 8.40 -2.56
N ALA A 216 -16.12 8.83 -1.93
CA ALA A 216 -16.96 9.90 -2.48
C ALA A 216 -16.19 11.19 -2.73
N ILE A 217 -15.18 11.47 -1.90
CA ILE A 217 -14.34 12.66 -2.04
C ILE A 217 -13.51 12.61 -3.31
N ASP A 218 -13.00 11.43 -3.64
CA ASP A 218 -12.31 11.19 -4.91
C ASP A 218 -13.26 11.43 -6.07
N ILE A 219 -14.52 10.99 -5.93
CA ILE A 219 -15.50 11.12 -7.02
C ILE A 219 -15.78 12.59 -7.33
N TRP A 220 -16.01 13.40 -6.30
CA TRP A 220 -16.22 14.85 -6.48
C TRP A 220 -15.09 15.44 -7.31
N ALA A 221 -13.86 15.07 -6.97
CA ALA A 221 -12.67 15.55 -7.70
C ALA A 221 -12.70 15.13 -9.17
N ILE A 222 -13.25 13.95 -9.46
CA ILE A 222 -13.34 13.46 -10.85
C ILE A 222 -14.39 14.26 -11.61
N GLY A 223 -15.47 14.62 -10.92
CA GLY A 223 -16.48 15.53 -11.48
C GLY A 223 -15.95 16.90 -11.81
N CYS A 224 -15.06 17.43 -10.95
CA CYS A 224 -14.43 18.73 -11.16
C CYS A 224 -13.49 18.69 -12.37
N ILE A 225 -12.81 17.56 -12.54
CA ILE A 225 -11.94 17.37 -13.70
C ILE A 225 -12.76 17.25 -14.98
N PHE A 226 -13.85 16.48 -14.93
CA PHE A 226 -14.77 16.34 -16.07
C PHE A 226 -15.35 17.70 -16.50
N ALA A 227 -15.68 18.56 -15.55
CA ALA A 227 -16.21 19.89 -15.89
C ALA A 227 -15.13 20.71 -16.61
N GLU A 228 -13.92 20.65 -16.08
CA GLU A 228 -12.77 21.34 -16.62
C GLU A 228 -12.40 20.83 -18.03
N LEU A 229 -12.53 19.53 -18.29
CA LEU A 229 -12.33 18.98 -19.63
C LEU A 229 -13.36 19.47 -20.65
N LEU A 230 -14.60 19.70 -20.21
CA LEU A 230 -15.66 20.15 -21.11
C LEU A 230 -15.60 21.65 -21.45
N THR A 231 -15.07 22.46 -20.54
CA THR A 231 -15.08 23.93 -20.67
C THR A 231 -13.68 24.58 -20.70
N SER A 232 -12.66 23.82 -20.33
CA SER A 232 -11.26 24.28 -20.24
C SER A 232 -10.95 25.22 -19.04
N GLU A 233 -11.96 25.55 -18.23
CA GLU A 233 -11.77 26.35 -17.01
C GLU A 233 -12.07 25.48 -15.78
N PRO A 234 -11.34 25.67 -14.67
CA PRO A 234 -11.70 24.94 -13.45
C PRO A 234 -13.10 25.34 -12.97
N ILE A 235 -13.95 24.38 -12.69
CA ILE A 235 -15.33 24.73 -12.35
C ILE A 235 -15.37 25.57 -11.06
N PHE A 236 -14.58 25.22 -10.06
CA PHE A 236 -14.58 25.95 -8.77
C PHE A 236 -13.29 26.76 -8.53
N HIS A 237 -12.78 27.38 -9.59
CA HIS A 237 -11.62 28.27 -9.50
C HIS A 237 -11.86 29.38 -8.46
N CYS A 238 -10.80 29.73 -7.75
CA CYS A 238 -10.89 30.61 -6.59
C CYS A 238 -9.51 31.15 -6.25
N ARG A 239 -9.44 32.37 -5.70
CA ARG A 239 -8.17 32.96 -5.27
C ARG A 239 -7.51 32.13 -4.16
N ASN A 247 -9.13 26.76 9.50
CA ASN A 247 -8.09 25.77 9.22
C ASN A 247 -8.55 24.73 8.21
N PRO A 248 -9.55 23.91 8.59
CA PRO A 248 -10.26 23.07 7.61
C PRO A 248 -11.33 23.88 6.85
N TYR A 249 -11.75 25.01 7.42
CA TYR A 249 -12.78 25.88 6.85
C TYR A 249 -12.22 26.90 5.85
N HIS A 250 -12.75 26.92 4.64
CA HIS A 250 -12.33 27.86 3.59
C HIS A 250 -13.53 28.58 2.95
N HIS A 251 -13.77 29.80 3.42
CA HIS A 251 -14.95 30.60 3.06
C HIS A 251 -15.10 30.85 1.56
N ASP A 252 -14.08 31.46 0.95
CA ASP A 252 -14.14 31.83 -0.46
C ASP A 252 -14.31 30.63 -1.38
N GLN A 253 -13.69 29.51 -1.01
CA GLN A 253 -13.83 28.30 -1.79
C GLN A 253 -15.28 27.79 -1.77
N LEU A 254 -15.92 27.91 -0.60
CA LEU A 254 -17.33 27.56 -0.46
C LEU A 254 -18.22 28.57 -1.19
N ASP A 255 -17.84 29.86 -1.16
CA ASP A 255 -18.55 30.90 -1.89
C ASP A 255 -18.64 30.56 -3.38
N ARG A 256 -17.52 30.13 -3.96
CA ARG A 256 -17.45 29.78 -5.38
C ARG A 256 -18.24 28.51 -5.72
N ILE A 257 -18.27 27.54 -4.80
CA ILE A 257 -19.07 26.35 -5.03
C ILE A 257 -20.55 26.73 -5.07
N PHE A 258 -21.01 27.47 -4.05
CA PHE A 258 -22.40 27.92 -4.02
C PHE A 258 -22.73 28.86 -5.17
N ASN A 259 -21.74 29.64 -5.64
CA ASN A 259 -21.92 30.49 -6.82
C ASN A 259 -22.16 29.70 -8.10
N VAL A 260 -21.61 28.49 -8.16
CA VAL A 260 -21.82 27.58 -9.29
C VAL A 260 -23.02 26.66 -9.05
N MET A 261 -22.98 25.89 -7.98
CA MET A 261 -23.99 24.86 -7.72
C MET A 261 -25.29 25.40 -7.14
N GLY A 262 -25.21 26.53 -6.43
CA GLY A 262 -26.34 27.00 -5.61
C GLY A 262 -26.13 26.55 -4.18
N PHE A 263 -26.94 27.05 -3.26
CA PHE A 263 -26.83 26.69 -1.85
C PHE A 263 -27.76 25.48 -1.65
N PRO A 264 -27.28 24.43 -0.96
CA PRO A 264 -28.07 23.20 -0.90
C PRO A 264 -29.28 23.32 0.00
N ALA A 265 -30.39 22.70 -0.40
CA ALA A 265 -31.56 22.64 0.46
C ALA A 265 -31.34 21.57 1.51
N ASP A 266 -31.98 21.73 2.65
CA ASP A 266 -31.98 20.72 3.71
C ASP A 266 -32.22 19.34 3.13
N LYS A 267 -33.20 19.27 2.23
CA LYS A 267 -33.57 18.01 1.56
C LYS A 267 -32.43 17.43 0.70
N ASP A 268 -31.60 18.30 0.12
CA ASP A 268 -30.47 17.86 -0.72
C ASP A 268 -29.29 17.29 0.08
N TRP A 269 -29.11 17.77 1.32
CA TRP A 269 -28.01 17.32 2.17
C TRP A 269 -28.39 17.39 3.65
N GLU A 270 -29.08 16.34 4.12
CA GLU A 270 -29.63 16.34 5.46
C GLU A 270 -28.59 16.28 6.57
N ASP A 271 -27.53 15.50 6.37
CA ASP A 271 -26.46 15.40 7.38
C ASP A 271 -25.50 16.59 7.41
N ILE A 272 -25.76 17.64 6.64
CA ILE A 272 -24.90 18.83 6.66
C ILE A 272 -24.88 19.42 8.09
N LYS A 273 -25.97 19.25 8.83
CA LYS A 273 -26.04 19.68 10.23
C LYS A 273 -24.97 19.05 11.11
N LYS A 274 -24.47 17.89 10.70
CA LYS A 274 -23.51 17.12 11.49
C LYS A 274 -22.05 17.49 11.21
N MET A 275 -21.79 18.31 10.19
CA MET A 275 -20.43 18.75 9.91
C MET A 275 -19.94 19.73 11.01
N PRO A 276 -18.67 19.61 11.44
CA PRO A 276 -18.20 20.45 12.54
C PRO A 276 -18.33 21.97 12.31
N GLU A 277 -18.17 22.41 11.06
CA GLU A 277 -18.23 23.83 10.72
C GLU A 277 -19.60 24.26 10.17
N HIS A 278 -20.65 23.49 10.43
CA HIS A 278 -21.98 23.83 9.93
C HIS A 278 -22.48 25.16 10.52
N SER A 279 -22.16 25.42 11.78
CA SER A 279 -22.57 26.65 12.44
C SER A 279 -21.84 27.88 11.90
N THR A 280 -20.58 27.70 11.49
CA THR A 280 -19.82 28.76 10.85
C THR A 280 -20.37 29.04 9.45
N LEU A 281 -20.81 28.00 8.75
CA LEU A 281 -21.46 28.15 7.46
C LEU A 281 -22.72 29.02 7.56
N MET A 282 -23.58 28.72 8.53
CA MET A 282 -24.82 29.50 8.74
C MET A 282 -24.53 30.94 9.22
N LYS A 283 -23.48 31.10 9.99
CA LYS A 283 -23.04 32.43 10.43
C LYS A 283 -22.66 33.27 9.22
N ASP A 284 -21.89 32.68 8.32
CA ASP A 284 -21.26 33.43 7.22
C ASP A 284 -22.10 33.51 5.94
N PHE A 285 -23.04 32.60 5.75
CA PHE A 285 -23.75 32.48 4.45
C PHE A 285 -25.26 32.55 4.59
N ARG A 286 -25.90 33.06 3.53
CA ARG A 286 -27.36 33.14 3.45
C ARG A 286 -27.80 32.51 2.14
N ARG A 287 -28.66 31.49 2.22
CA ARG A 287 -29.26 30.83 1.05
C ARG A 287 -29.70 31.80 -0.05
N ASN A 288 -30.33 32.89 0.37
CA ASN A 288 -30.80 33.96 -0.51
C ASN A 288 -29.77 34.45 -1.53
N THR A 289 -28.52 34.54 -1.09
CA THR A 289 -27.41 35.03 -1.91
C THR A 289 -27.21 34.25 -3.22
N TYR A 290 -27.51 32.95 -3.21
CA TYR A 290 -27.24 32.07 -4.35
C TYR A 290 -28.51 31.60 -5.04
N THR A 291 -29.58 32.38 -4.90
CA THR A 291 -30.89 31.98 -5.39
C THR A 291 -30.96 31.82 -6.93
N ASN A 292 -30.15 32.58 -7.67
CA ASN A 292 -30.11 32.47 -9.13
C ASN A 292 -29.14 31.42 -9.69
N CYS A 293 -28.50 30.65 -8.80
CA CYS A 293 -27.34 29.84 -9.17
C CYS A 293 -27.65 28.37 -9.29
N SER A 294 -27.14 27.73 -10.35
CA SER A 294 -27.25 26.28 -10.54
C SER A 294 -26.27 25.77 -11.59
N LEU A 295 -25.92 24.50 -11.49
CA LEU A 295 -25.01 23.84 -12.43
C LEU A 295 -25.55 23.90 -13.86
N ILE A 296 -26.86 23.73 -14.02
CA ILE A 296 -27.51 23.90 -15.34
C ILE A 296 -27.13 25.24 -15.96
N LYS A 297 -27.24 26.31 -15.16
CA LYS A 297 -26.94 27.67 -15.64
C LYS A 297 -25.45 27.87 -15.90
N TYR A 298 -24.61 27.38 -15.01
CA TYR A 298 -23.16 27.52 -15.19
C TYR A 298 -22.74 26.86 -16.49
N MET A 299 -23.07 25.58 -16.65
CA MET A 299 -22.65 24.83 -17.83
C MET A 299 -23.22 25.39 -19.15
N GLU A 300 -24.47 25.85 -19.11
CA GLU A 300 -25.09 26.51 -20.27
C GLU A 300 -24.25 27.69 -20.76
N LYS A 301 -23.77 28.53 -19.85
CA LYS A 301 -22.89 29.65 -20.20
C LYS A 301 -21.65 29.16 -20.96
N HIS A 302 -21.10 28.02 -20.55
CA HIS A 302 -19.94 27.43 -21.21
C HIS A 302 -20.30 26.48 -22.35
N LYS A 303 -21.51 26.63 -22.90
CA LYS A 303 -21.96 25.92 -24.11
C LYS A 303 -21.89 24.39 -23.98
N VAL A 304 -22.42 23.90 -22.86
CA VAL A 304 -22.66 22.47 -22.64
C VAL A 304 -24.15 22.36 -22.36
N LYS A 305 -24.86 21.57 -23.16
CA LYS A 305 -26.32 21.52 -23.11
C LYS A 305 -26.81 20.63 -21.96
N PRO A 306 -27.74 21.15 -21.12
CA PRO A 306 -28.21 20.40 -19.96
C PRO A 306 -29.09 19.18 -20.25
N ASP A 307 -29.48 18.99 -21.51
CA ASP A 307 -30.23 17.81 -21.93
C ASP A 307 -29.30 16.68 -22.42
N SER A 308 -27.98 16.90 -22.35
CA SER A 308 -27.01 15.93 -22.84
C SER A 308 -26.68 14.88 -21.79
N LYS A 309 -26.39 13.66 -22.23
CA LYS A 309 -25.94 12.62 -21.31
C LYS A 309 -24.69 13.08 -20.54
N ALA A 310 -23.79 13.78 -21.24
CA ALA A 310 -22.58 14.33 -20.61
C ALA A 310 -22.92 15.11 -19.34
N PHE A 311 -23.83 16.08 -19.46
CA PHE A 311 -24.23 16.88 -18.32
C PHE A 311 -24.90 16.05 -17.23
N HIS A 312 -25.78 15.14 -17.62
CA HIS A 312 -26.53 14.36 -16.65
C HIS A 312 -25.62 13.45 -15.82
N LEU A 313 -24.51 13.02 -16.40
CA LEU A 313 -23.49 12.28 -15.66
C LEU A 313 -22.70 13.21 -14.73
N LEU A 314 -22.32 14.38 -15.26
CA LEU A 314 -21.56 15.37 -14.48
C LEU A 314 -22.31 15.79 -13.22
N GLN A 315 -23.63 15.93 -13.31
CA GLN A 315 -24.45 16.32 -12.17
C GLN A 315 -24.48 15.27 -11.06
N LYS A 316 -24.33 13.99 -11.44
CA LYS A 316 -24.32 12.89 -10.48
C LYS A 316 -22.96 12.78 -9.79
N LEU A 317 -21.89 13.17 -10.50
CA LEU A 317 -20.56 13.22 -9.89
C LEU A 317 -20.49 14.40 -8.93
N LEU A 318 -20.90 15.58 -9.39
CA LEU A 318 -20.94 16.78 -8.54
C LEU A 318 -22.27 16.89 -7.77
N THR A 319 -22.56 15.91 -6.94
CA THR A 319 -23.67 15.98 -5.99
C THR A 319 -23.08 16.37 -4.64
N MET A 320 -23.70 17.31 -3.94
CA MET A 320 -23.07 17.94 -2.77
C MET A 320 -23.07 17.03 -1.54
N ASP A 321 -24.16 16.29 -1.33
CA ASP A 321 -24.23 15.32 -0.22
C ASP A 321 -23.43 14.08 -0.63
N PRO A 322 -22.32 13.79 0.06
CA PRO A 322 -21.46 12.67 -0.37
C PRO A 322 -22.17 11.32 -0.49
N ILE A 323 -23.10 11.01 0.40
CA ILE A 323 -23.84 9.74 0.30
C ILE A 323 -24.77 9.68 -0.92
N LYS A 324 -25.13 10.84 -1.49
CA LYS A 324 -25.93 10.92 -2.71
C LYS A 324 -25.06 11.02 -3.97
N ARG A 325 -23.77 10.77 -3.83
CA ARG A 325 -22.84 10.88 -4.94
C ARG A 325 -22.72 9.49 -5.61
N ILE A 326 -22.54 9.50 -6.93
CA ILE A 326 -22.41 8.27 -7.72
C ILE A 326 -21.05 7.60 -7.42
N THR A 327 -20.99 6.27 -7.52
CA THR A 327 -19.72 5.56 -7.33
C THR A 327 -19.01 5.41 -8.66
N SER A 328 -17.72 5.08 -8.63
CA SER A 328 -16.94 4.99 -9.86
C SER A 328 -17.52 3.95 -10.83
N GLU A 329 -17.92 2.79 -10.30
CA GLU A 329 -18.50 1.70 -11.11
C GLU A 329 -19.79 2.12 -11.78
N GLN A 330 -20.66 2.79 -11.03
CA GLN A 330 -21.91 3.29 -11.57
C GLN A 330 -21.69 4.36 -12.65
N ALA A 331 -20.65 5.18 -12.47
CA ALA A 331 -20.27 6.15 -13.49
C ALA A 331 -19.85 5.45 -14.78
N MET A 332 -19.02 4.42 -14.66
CA MET A 332 -18.55 3.64 -15.83
C MET A 332 -19.70 3.03 -16.62
N GLN A 333 -20.80 2.72 -15.93
CA GLN A 333 -21.97 2.11 -16.55
C GLN A 333 -22.99 3.12 -17.09
N ASP A 334 -22.68 4.41 -17.02
CA ASP A 334 -23.62 5.44 -17.48
C ASP A 334 -23.83 5.37 -19.00
N PRO A 335 -25.06 5.65 -19.47
CA PRO A 335 -25.30 5.62 -20.90
C PRO A 335 -24.50 6.63 -21.73
N TYR A 336 -23.89 7.63 -21.07
CA TYR A 336 -22.93 8.51 -21.74
C TYR A 336 -21.88 7.72 -22.52
N PHE A 337 -21.39 6.64 -21.94
CA PHE A 337 -20.33 5.84 -22.59
C PHE A 337 -20.81 4.87 -23.68
N LEU A 338 -22.12 4.77 -23.88
CA LEU A 338 -22.73 3.97 -24.96
C LEU A 338 -23.20 4.81 -26.16
N GLU A 339 -23.28 6.12 -25.98
CA GLU A 339 -23.65 7.07 -27.02
C GLU A 339 -22.45 7.38 -27.90
N ASP A 340 -22.67 7.60 -29.19
CA ASP A 340 -21.60 8.00 -30.12
C ASP A 340 -20.99 9.32 -29.63
N PRO A 341 -19.65 9.44 -29.65
CA PRO A 341 -18.63 8.45 -30.01
C PRO A 341 -18.26 7.56 -28.84
N LEU A 342 -17.90 6.31 -29.11
CA LEU A 342 -17.42 5.39 -28.07
C LEU A 342 -16.05 5.81 -27.56
N PRO A 343 -15.76 5.56 -26.27
CA PRO A 343 -14.42 5.84 -25.76
C PRO A 343 -13.38 4.92 -26.36
N THR A 344 -12.20 5.43 -26.64
CA THR A 344 -11.11 4.62 -27.21
C THR A 344 -9.98 4.41 -26.21
N SER A 345 -9.20 3.36 -26.42
CA SER A 345 -8.01 3.06 -25.60
C SER A 345 -6.98 4.17 -25.67
N ASP A 346 -6.66 4.59 -26.90
CA ASP A 346 -5.86 5.78 -27.15
C ASP A 346 -6.82 6.95 -27.13
N VAL A 347 -6.65 7.84 -26.16
CA VAL A 347 -7.53 9.00 -26.01
C VAL A 347 -7.36 9.97 -27.18
N PHE A 348 -6.22 9.91 -27.87
CA PHE A 348 -5.97 10.73 -29.07
C PHE A 348 -6.58 10.16 -30.35
N ALA A 349 -7.18 8.96 -30.27
CA ALA A 349 -7.94 8.36 -31.37
C ALA A 349 -7.15 8.23 -32.66
N GLY A 350 -5.85 7.94 -32.55
CA GLY A 350 -4.97 7.81 -33.71
C GLY A 350 -4.41 9.11 -34.27
N CYS A 351 -4.92 10.25 -33.81
CA CYS A 351 -4.48 11.58 -34.28
C CYS A 351 -3.08 11.91 -33.79
N GLN A 352 -2.39 12.78 -34.53
CA GLN A 352 -1.06 13.26 -34.14
C GLN A 352 -1.16 14.14 -32.90
N ILE A 353 -0.19 14.00 -32.00
CA ILE A 353 -0.18 14.73 -30.72
C ILE A 353 0.37 16.15 -30.92
N PRO A 354 -0.45 17.17 -30.64
CA PRO A 354 -0.01 18.57 -30.83
C PRO A 354 0.80 19.13 -29.65
N TYR A 355 0.73 18.48 -28.50
CA TYR A 355 1.27 19.06 -27.26
C TYR A 355 2.78 18.92 -27.20
N PRO A 356 3.45 19.91 -26.59
CA PRO A 356 4.90 19.84 -26.48
C PRO A 356 5.34 18.82 -25.43
N LYS A 357 6.58 18.34 -25.57
CA LYS A 357 7.22 17.47 -24.59
C LYS A 357 7.48 18.26 -23.30
N ARG A 358 7.89 17.56 -22.24
CA ARG A 358 8.15 18.21 -20.97
C ARG A 358 9.45 19.01 -21.00
N GLU A 359 9.44 20.17 -20.35
CA GLU A 359 10.64 20.98 -20.21
C GLU A 359 11.46 20.47 -19.03
N PHE A 360 12.78 20.47 -19.20
CA PHE A 360 13.70 20.07 -18.13
C PHE A 360 14.01 21.25 -17.22
N LEU A 361 14.24 20.96 -15.94
CA LEU A 361 14.41 21.99 -14.91
C LEU A 361 15.71 21.78 -14.15
N LYS B 3 -9.66 -1.77 4.51
CA LYS B 3 -8.17 -1.98 4.62
C LYS B 3 -7.51 -2.34 3.26
N ALA B 4 -6.36 -1.72 2.99
CA ALA B 4 -5.75 -1.70 1.65
C ALA B 4 -5.34 -3.07 1.13
N MET B 5 -5.74 -3.38 -0.10
CA MET B 5 -5.46 -4.65 -0.77
C MET B 5 -6.14 -5.84 -0.09
N ALA B 6 -7.18 -5.58 0.69
CA ALA B 6 -7.85 -6.63 1.47
C ALA B 6 -8.17 -7.88 0.64
N GLY B 7 -8.71 -7.70 -0.57
CA GLY B 7 -9.15 -8.84 -1.37
C GLY B 7 -8.27 -9.20 -2.55
N ASN B 8 -6.97 -8.91 -2.46
CA ASN B 8 -6.05 -9.03 -3.59
C ASN B 8 -5.08 -10.22 -3.49
N PHE B 9 -5.33 -11.14 -2.57
CA PHE B 9 -4.33 -12.18 -2.29
C PHE B 9 -3.85 -12.89 -3.54
N TRP B 10 -4.80 -13.37 -4.35
CA TRP B 10 -4.44 -14.20 -5.49
C TRP B 10 -3.68 -13.48 -6.61
N GLN B 11 -3.61 -12.14 -6.55
CA GLN B 11 -2.78 -11.35 -7.47
C GLN B 11 -1.66 -10.60 -6.74
N SER B 12 -1.41 -10.97 -5.47
CA SER B 12 -0.45 -10.28 -4.61
C SER B 12 0.97 -10.85 -4.65
N SER B 13 1.91 -10.07 -4.11
CA SER B 13 3.32 -10.49 -4.03
C SER B 13 3.50 -11.61 -2.99
N HIS B 14 2.75 -11.53 -1.89
CA HIS B 14 2.69 -12.62 -0.92
C HIS B 14 2.53 -13.93 -1.67
N TYR B 15 1.47 -14.02 -2.48
CA TYR B 15 1.11 -15.27 -3.14
C TYR B 15 2.08 -15.63 -4.28
N LEU B 16 2.35 -14.66 -5.16
CA LEU B 16 3.11 -14.91 -6.37
C LEU B 16 4.63 -15.05 -6.15
N GLN B 17 5.15 -14.56 -5.02
CA GLN B 17 6.60 -14.66 -4.73
C GLN B 17 6.99 -15.25 -3.37
N TRP B 18 6.07 -15.27 -2.40
CA TRP B 18 6.43 -15.64 -1.03
C TRP B 18 5.64 -16.82 -0.44
N ILE B 19 5.08 -17.65 -1.32
CA ILE B 19 4.65 -18.99 -1.00
C ILE B 19 5.68 -19.94 -1.66
N LEU B 20 6.56 -20.51 -0.84
CA LEU B 20 7.73 -21.21 -1.32
C LEU B 20 7.48 -22.71 -1.42
N ASP B 21 8.33 -23.39 -2.19
CA ASP B 21 8.35 -24.84 -2.19
C ASP B 21 9.16 -25.30 -0.99
N LYS B 22 8.65 -26.30 -0.29
CA LYS B 22 9.30 -26.89 0.88
C LYS B 22 10.69 -27.43 0.58
N GLN B 23 10.84 -28.08 -0.58
CA GLN B 23 12.12 -28.62 -1.01
C GLN B 23 13.21 -27.55 -1.16
N ASP B 24 12.85 -26.42 -1.74
CA ASP B 24 13.79 -25.30 -1.93
C ASP B 24 14.21 -24.71 -0.59
N LEU B 25 13.25 -24.65 0.34
CA LEU B 25 13.47 -24.13 1.69
C LEU B 25 14.48 -24.98 2.46
N LEU B 26 14.25 -26.29 2.48
CA LEU B 26 15.11 -27.23 3.20
C LEU B 26 16.49 -27.36 2.57
N LYS B 27 16.59 -27.12 1.27
CA LYS B 27 17.90 -27.07 0.61
C LYS B 27 18.70 -25.85 1.07
N GLU B 28 18.08 -24.67 1.06
CA GLU B 28 18.72 -23.43 1.58
C GLU B 28 19.03 -23.52 3.09
N ARG B 29 18.29 -24.37 3.79
CA ARG B 29 18.51 -24.61 5.21
C ARG B 29 19.76 -25.44 5.51
N GLN B 30 20.26 -26.17 4.52
CA GLN B 30 21.38 -27.11 4.75
C GLN B 30 22.67 -26.43 5.19
N LYS B 31 22.86 -25.15 4.90
CA LYS B 31 24.10 -24.46 5.28
C LYS B 31 24.17 -24.17 6.77
N ASP B 32 23.02 -23.91 7.40
CA ASP B 32 22.94 -23.75 8.86
C ASP B 32 22.87 -25.09 9.59
N LEU B 33 22.57 -26.17 8.87
CA LEU B 33 22.50 -27.50 9.47
C LEU B 33 23.87 -28.19 9.61
N LYS B 34 24.91 -27.57 9.06
CA LYS B 34 26.29 -28.01 9.33
C LYS B 34 26.68 -27.64 10.78
N PHE B 35 26.04 -26.60 11.31
CA PHE B 35 26.32 -26.12 12.66
C PHE B 35 25.25 -26.57 13.68
N LEU B 36 24.00 -26.60 13.24
CA LEU B 36 22.85 -26.90 14.11
C LEU B 36 22.16 -28.19 13.67
N SER B 37 21.53 -28.90 14.61
CA SER B 37 20.64 -30.02 14.24
C SER B 37 19.30 -29.47 13.76
N GLU B 38 18.47 -30.33 13.19
CA GLU B 38 17.13 -29.94 12.73
C GLU B 38 16.27 -29.53 13.91
N GLU B 39 16.35 -30.31 14.97
CA GLU B 39 15.66 -30.01 16.23
C GLU B 39 16.06 -28.63 16.74
N GLU B 40 17.37 -28.40 16.84
CA GLU B 40 17.91 -27.14 17.35
C GLU B 40 17.57 -25.92 16.49
N TYR B 41 17.49 -26.11 15.18
CA TYR B 41 17.11 -25.03 14.27
C TYR B 41 15.67 -24.61 14.52
N TRP B 42 14.79 -25.58 14.73
CA TRP B 42 13.38 -25.30 15.02
C TRP B 42 13.20 -24.64 16.39
N LYS B 43 13.96 -25.06 17.38
CA LYS B 43 13.97 -24.43 18.70
C LYS B 43 14.41 -22.96 18.59
N LEU B 44 15.38 -22.70 17.73
CA LEU B 44 15.79 -21.35 17.43
C LEU B 44 14.63 -20.55 16.84
N GLN B 45 13.91 -21.13 15.88
CA GLN B 45 12.73 -20.49 15.26
C GLN B 45 11.67 -20.09 16.28
N ILE B 46 11.40 -21.02 17.20
CA ILE B 46 10.45 -20.76 18.28
C ILE B 46 10.95 -19.61 19.15
N PHE B 47 12.20 -19.71 19.60
CA PHE B 47 12.76 -18.70 20.47
C PHE B 47 12.54 -17.29 19.89
N PHE B 48 12.87 -17.09 18.63
CA PHE B 48 12.82 -15.76 18.04
C PHE B 48 11.42 -15.32 17.66
N THR B 49 10.50 -16.27 17.58
CA THR B 49 9.08 -15.93 17.48
C THR B 49 8.59 -15.32 18.80
N ASN B 50 9.12 -15.80 19.92
CA ASN B 50 8.78 -15.24 21.24
C ASN B 50 9.46 -13.89 21.52
N VAL B 51 10.68 -13.71 21.02
CA VAL B 51 11.36 -12.44 21.14
C VAL B 51 10.53 -11.38 20.41
N ILE B 52 10.18 -11.66 19.16
CA ILE B 52 9.40 -10.69 18.39
C ILE B 52 8.07 -10.38 19.08
N GLN B 53 7.39 -11.41 19.58
CA GLN B 53 6.14 -11.22 20.28
C GLN B 53 6.35 -10.31 21.51
N ALA B 54 7.41 -10.56 22.26
CA ALA B 54 7.72 -9.78 23.45
C ALA B 54 8.02 -8.33 23.09
N LEU B 55 8.77 -8.11 22.01
CA LEU B 55 9.04 -6.76 21.54
C LEU B 55 7.76 -6.05 21.14
N GLY B 56 6.90 -6.75 20.42
CA GLY B 56 5.59 -6.21 20.05
C GLY B 56 4.77 -5.80 21.25
N GLU B 57 4.69 -6.67 22.26
CA GLU B 57 3.83 -6.43 23.43
C GLU B 57 4.31 -5.23 24.21
N HIS B 58 5.63 -5.17 24.44
CA HIS B 58 6.25 -4.05 25.15
C HIS B 58 5.94 -2.72 24.44
N LEU B 59 6.12 -2.69 23.12
CA LEU B 59 5.82 -1.51 22.33
C LEU B 59 4.31 -1.26 22.13
N LYS B 60 3.48 -2.18 22.62
CA LYS B 60 2.02 -2.05 22.56
C LYS B 60 1.51 -2.04 21.12
N LEU B 61 1.94 -3.02 20.35
CA LEU B 61 1.50 -3.15 18.96
C LEU B 61 0.40 -4.20 18.86
N ARG B 62 -0.48 -4.05 17.87
CA ARG B 62 -1.55 -5.01 17.64
C ARG B 62 -0.96 -6.29 17.08
N GLN B 63 -1.68 -7.39 17.24
CA GLN B 63 -1.19 -8.72 16.81
C GLN B 63 -0.84 -8.80 15.32
N GLN B 64 -1.51 -7.99 14.50
CA GLN B 64 -1.29 -8.00 13.06
C GLN B 64 0.10 -7.43 12.71
N VAL B 65 0.51 -6.40 13.45
CA VAL B 65 1.85 -5.83 13.28
C VAL B 65 2.93 -6.82 13.72
N ILE B 66 2.65 -7.56 14.79
CA ILE B 66 3.57 -8.57 15.28
C ILE B 66 3.70 -9.72 14.28
N ALA B 67 2.58 -10.05 13.62
CA ALA B 67 2.55 -11.15 12.62
C ALA B 67 3.34 -10.82 11.37
N THR B 68 3.15 -9.63 10.84
CA THR B 68 3.94 -9.14 9.72
C THR B 68 5.42 -9.10 10.04
N ALA B 69 5.78 -8.66 11.24
CA ALA B 69 7.21 -8.59 11.60
C ALA B 69 7.80 -9.99 11.71
N THR B 70 7.00 -10.93 12.19
CA THR B 70 7.43 -12.32 12.27
C THR B 70 7.59 -12.93 10.88
N VAL B 71 6.75 -12.54 9.92
CA VAL B 71 6.89 -13.04 8.56
C VAL B 71 8.14 -12.49 7.87
N TYR B 72 8.47 -11.22 8.11
CA TYR B 72 9.67 -10.60 7.51
C TYR B 72 10.95 -11.31 7.97
N PHE B 73 10.98 -11.66 9.24
CA PHE B 73 12.10 -12.35 9.85
C PHE B 73 12.22 -13.74 9.24
N LYS B 74 11.09 -14.44 9.17
CA LYS B 74 11.05 -15.77 8.54
C LYS B 74 11.52 -15.75 7.10
N ARG B 75 11.02 -14.79 6.32
CA ARG B 75 11.42 -14.65 4.92
C ARG B 75 12.91 -14.41 4.76
N PHE B 76 13.50 -13.61 5.65
CA PHE B 76 14.92 -13.28 5.54
C PHE B 76 15.78 -14.52 5.75
N TYR B 77 15.51 -15.27 6.81
CA TYR B 77 16.27 -16.49 7.10
C TYR B 77 15.79 -17.72 6.32
N ALA B 78 14.75 -17.57 5.51
CA ALA B 78 14.40 -18.60 4.52
C ALA B 78 15.43 -18.66 3.40
N ARG B 79 16.05 -17.53 3.10
CA ARG B 79 17.09 -17.45 2.05
C ARG B 79 18.50 -17.48 2.61
N TYR B 80 18.77 -16.66 3.63
CA TYR B 80 20.13 -16.48 4.14
C TYR B 80 20.37 -17.17 5.46
N SER B 81 21.64 -17.33 5.77
CA SER B 81 22.09 -18.05 6.95
C SER B 81 21.97 -17.14 8.17
N LEU B 82 21.90 -17.75 9.34
CA LEU B 82 21.85 -17.03 10.61
C LEU B 82 23.13 -16.23 10.89
N LYS B 83 24.23 -16.58 10.23
CA LYS B 83 25.47 -15.82 10.39
C LYS B 83 25.46 -14.49 9.61
N SER B 84 24.59 -14.37 8.61
CA SER B 84 24.62 -13.21 7.71
C SER B 84 24.36 -11.90 8.45
N ILE B 85 23.28 -11.86 9.22
CA ILE B 85 23.04 -10.76 10.16
C ILE B 85 22.56 -11.37 11.47
N ASP B 86 23.04 -10.79 12.57
CA ASP B 86 22.68 -11.27 13.89
C ASP B 86 21.15 -11.20 14.01
N PRO B 87 20.50 -12.32 14.37
CA PRO B 87 19.05 -12.26 14.55
C PRO B 87 18.60 -11.34 15.68
N VAL B 88 19.44 -11.11 16.67
CA VAL B 88 19.12 -10.18 17.76
C VAL B 88 18.97 -8.75 17.24
N LEU B 89 19.64 -8.41 16.14
CA LEU B 89 19.48 -7.12 15.47
C LEU B 89 18.29 -7.15 14.52
N MET B 90 18.10 -8.27 13.84
CA MET B 90 17.04 -8.42 12.85
C MET B 90 15.64 -8.35 13.45
N ALA B 91 15.43 -9.01 14.59
CA ALA B 91 14.11 -9.06 15.24
C ALA B 91 13.51 -7.66 15.41
N PRO B 92 14.21 -6.77 16.13
CA PRO B 92 13.66 -5.44 16.34
C PRO B 92 13.59 -4.61 15.06
N THR B 93 14.46 -4.88 14.10
CA THR B 93 14.40 -4.20 12.79
C THR B 93 13.12 -4.60 12.04
N CYS B 94 12.72 -5.85 12.17
CA CYS B 94 11.49 -6.35 11.54
C CYS B 94 10.26 -5.72 12.17
N VAL B 95 10.29 -5.56 13.49
CA VAL B 95 9.22 -4.86 14.22
C VAL B 95 9.13 -3.38 13.82
N PHE B 96 10.29 -2.74 13.66
CA PHE B 96 10.39 -1.34 13.25
C PHE B 96 9.81 -1.09 11.87
N LEU B 97 10.10 -1.99 10.93
CA LEU B 97 9.62 -1.85 9.55
C LEU B 97 8.13 -2.20 9.44
N ALA B 98 7.75 -3.29 10.11
CA ALA B 98 6.38 -3.75 10.08
C ALA B 98 5.44 -2.70 10.63
N SER B 99 5.87 -2.01 11.70
CA SER B 99 5.06 -0.99 12.34
C SER B 99 4.84 0.24 11.45
N LYS B 100 5.77 0.52 10.54
CA LYS B 100 5.61 1.61 9.58
C LYS B 100 4.59 1.21 8.50
N VAL B 101 4.70 -0.01 8.00
CA VAL B 101 3.84 -0.53 6.93
C VAL B 101 2.38 -0.58 7.37
N GLU B 102 2.15 -1.24 8.51
CA GLU B 102 0.79 -1.42 9.07
C GLU B 102 0.22 -0.14 9.73
N GLU B 103 1.00 0.94 9.70
CA GLU B 103 0.55 2.30 10.04
C GLU B 103 0.32 2.57 11.53
N PHE B 104 1.18 1.97 12.36
CA PHE B 104 1.27 2.33 13.78
C PHE B 104 2.03 3.66 13.90
N GLY B 105 3.16 3.75 13.22
CA GLY B 105 4.02 4.94 13.22
C GLY B 105 5.50 4.56 13.25
N VAL B 106 6.37 5.54 13.07
CA VAL B 106 7.80 5.34 13.24
C VAL B 106 8.06 5.35 14.75
N VAL B 107 8.38 4.20 15.31
CA VAL B 107 8.67 4.14 16.74
C VAL B 107 10.00 4.86 16.94
N SER B 108 10.05 5.78 17.88
CA SER B 108 11.23 6.65 18.01
C SER B 108 12.50 5.86 18.31
N ASN B 109 13.64 6.45 17.96
CA ASN B 109 14.93 5.81 18.19
C ASN B 109 15.00 5.35 19.64
N THR B 110 14.96 6.34 20.53
CA THR B 110 15.02 6.12 21.97
C THR B 110 14.08 5.00 22.43
N ARG B 111 12.88 4.97 21.87
CA ARG B 111 11.86 4.02 22.30
C ARG B 111 12.10 2.62 21.77
N LEU B 112 12.61 2.50 20.53
CA LEU B 112 12.89 1.20 19.96
C LEU B 112 14.07 0.53 20.66
N ILE B 113 15.15 1.28 20.86
CA ILE B 113 16.36 0.75 21.50
C ILE B 113 16.11 0.43 22.98
N ALA B 114 15.33 1.27 23.66
CA ALA B 114 14.99 1.06 25.05
C ALA B 114 14.09 -0.17 25.21
N ALA B 115 13.25 -0.41 24.20
CA ALA B 115 12.34 -1.55 24.20
C ALA B 115 13.12 -2.85 24.00
N ALA B 116 14.02 -2.85 23.01
CA ALA B 116 14.88 -4.00 22.73
C ALA B 116 15.74 -4.33 23.96
N THR B 117 16.37 -3.31 24.52
CA THR B 117 17.22 -3.51 25.69
C THR B 117 16.45 -4.13 26.84
N SER B 118 15.24 -3.64 27.07
CA SER B 118 14.49 -3.96 28.27
C SER B 118 13.81 -5.33 28.20
N VAL B 119 13.33 -5.74 27.02
CA VAL B 119 12.73 -7.06 26.85
C VAL B 119 13.77 -8.18 26.99
N LEU B 120 14.93 -8.00 26.38
CA LEU B 120 16.01 -8.97 26.54
C LEU B 120 16.47 -9.10 28.00
N LYS B 121 16.66 -7.98 28.69
CA LYS B 121 17.08 -7.99 30.09
C LYS B 121 16.04 -8.63 31.02
N THR B 122 14.79 -8.18 30.94
CA THR B 122 13.78 -8.62 31.90
C THR B 122 13.22 -10.00 31.56
N ARG B 123 13.01 -10.28 30.28
CA ARG B 123 12.30 -11.50 29.88
C ARG B 123 13.17 -12.61 29.26
N PHE B 124 14.39 -12.29 28.82
CA PHE B 124 15.24 -13.28 28.15
C PHE B 124 16.65 -13.37 28.73
N SER B 125 16.83 -13.01 30.00
CA SER B 125 18.15 -13.09 30.64
C SER B 125 18.73 -14.50 30.64
N TYR B 126 17.86 -15.52 30.57
CA TYR B 126 18.31 -16.92 30.47
C TYR B 126 19.02 -17.26 29.15
N ALA B 127 18.85 -16.42 28.13
CA ALA B 127 19.52 -16.60 26.83
C ALA B 127 20.69 -15.62 26.63
N PHE B 128 20.57 -14.41 27.19
CA PHE B 128 21.53 -13.34 26.95
C PHE B 128 22.09 -12.79 28.26
N PRO B 129 23.38 -13.01 28.52
CA PRO B 129 24.00 -12.41 29.71
C PRO B 129 24.27 -10.91 29.55
N LYS B 130 24.75 -10.51 28.38
CA LYS B 130 25.14 -9.12 28.11
C LYS B 130 23.98 -8.31 27.56
N GLU B 131 24.00 -7.00 27.82
CA GLU B 131 22.94 -6.09 27.37
C GLU B 131 22.84 -6.03 25.84
N PHE B 132 21.70 -5.57 25.34
CA PHE B 132 21.51 -5.32 23.91
C PHE B 132 22.59 -4.33 23.44
N PRO B 133 23.44 -4.73 22.47
CA PRO B 133 24.58 -3.92 22.05
C PRO B 133 24.35 -2.95 20.89
N TYR B 134 23.26 -3.11 20.14
CA TYR B 134 23.04 -2.33 18.94
C TYR B 134 22.38 -0.99 19.23
N ARG B 135 22.91 0.05 18.58
CA ARG B 135 22.27 1.37 18.55
C ARG B 135 21.39 1.48 17.31
N MET B 136 20.83 2.68 17.08
CA MET B 136 19.88 2.90 16.01
C MET B 136 20.52 2.93 14.63
N ASN B 137 21.75 3.40 14.54
CA ASN B 137 22.46 3.37 13.25
C ASN B 137 22.53 1.94 12.69
N HIS B 138 22.61 0.96 13.59
CA HIS B 138 22.65 -0.44 13.22
C HIS B 138 21.29 -0.92 12.72
N ILE B 139 20.22 -0.57 13.45
CA ILE B 139 18.84 -0.84 13.01
C ILE B 139 18.60 -0.24 11.62
N LEU B 140 18.98 1.02 11.43
CA LEU B 140 18.72 1.69 10.16
C LEU B 140 19.40 0.97 8.99
N GLU B 141 20.64 0.53 9.21
CA GLU B 141 21.39 -0.24 8.21
C GLU B 141 20.70 -1.56 7.88
N CYS B 142 20.32 -2.29 8.93
CA CYS B 142 19.68 -3.59 8.78
C CYS B 142 18.35 -3.52 8.02
N GLU B 143 17.63 -2.42 8.22
CA GLU B 143 16.35 -2.18 7.54
C GLU B 143 16.52 -2.16 6.03
N PHE B 144 17.60 -1.52 5.56
CA PHE B 144 17.91 -1.48 4.14
C PHE B 144 18.15 -2.88 3.57
N TYR B 145 18.97 -3.69 4.25
CA TYR B 145 19.19 -5.07 3.83
C TYR B 145 17.91 -5.91 3.85
N LEU B 146 17.08 -5.72 4.87
CA LEU B 146 15.81 -6.46 4.99
C LEU B 146 14.87 -6.15 3.84
N LEU B 147 14.71 -4.87 3.54
CA LEU B 147 13.84 -4.44 2.45
C LEU B 147 14.30 -4.99 1.10
N GLU B 148 15.61 -5.08 0.90
CA GLU B 148 16.15 -5.57 -0.38
C GLU B 148 15.90 -7.07 -0.53
N LEU B 149 16.19 -7.83 0.52
CA LEU B 149 16.02 -9.29 0.48
C LEU B 149 14.58 -9.68 0.21
N MET B 150 13.64 -8.95 0.80
CA MET B 150 12.21 -9.18 0.59
C MET B 150 11.69 -8.64 -0.75
N ASP B 151 12.59 -8.11 -1.59
CA ASP B 151 12.21 -7.55 -2.90
C ASP B 151 11.10 -6.49 -2.77
N CYS B 152 11.18 -5.69 -1.72
CA CYS B 152 10.20 -4.64 -1.43
C CYS B 152 8.75 -5.11 -1.31
N CYS B 153 8.57 -6.36 -0.89
CA CYS B 153 7.23 -6.94 -0.68
C CYS B 153 6.82 -6.73 0.77
N LEU B 154 6.02 -5.72 1.03
CA LEU B 154 5.71 -5.33 2.41
C LEU B 154 4.33 -5.77 2.92
N ILE B 155 3.33 -5.77 2.04
CA ILE B 155 1.97 -6.18 2.42
C ILE B 155 1.92 -7.71 2.60
N VAL B 156 1.59 -8.13 3.82
CA VAL B 156 1.52 -9.53 4.18
C VAL B 156 0.10 -9.86 4.64
N TYR B 157 -0.44 -10.99 4.18
CA TYR B 157 -1.75 -11.49 4.58
C TYR B 157 -1.58 -12.52 5.69
N HIS B 158 -2.51 -12.54 6.64
CA HIS B 158 -2.45 -13.48 7.77
C HIS B 158 -3.77 -14.22 7.93
N PRO B 159 -3.79 -15.28 8.78
CA PRO B 159 -5.01 -16.07 8.90
C PRO B 159 -6.06 -15.49 9.84
N TYR B 160 -5.78 -14.38 10.50
CA TYR B 160 -6.73 -13.83 11.47
C TYR B 160 -8.02 -13.35 10.82
N ARG B 161 -7.95 -12.72 9.66
CA ARG B 161 -9.17 -12.17 9.02
C ARG B 161 -10.05 -13.30 8.49
N PRO B 162 -9.50 -14.24 7.71
CA PRO B 162 -10.30 -15.41 7.30
C PRO B 162 -10.88 -16.21 8.48
N LEU B 163 -10.09 -16.42 9.54
CA LEU B 163 -10.58 -17.13 10.73
C LEU B 163 -11.82 -16.43 11.29
N LEU B 164 -11.77 -15.10 11.32
CA LEU B 164 -12.89 -14.32 11.82
C LEU B 164 -14.12 -14.54 10.94
N GLN B 165 -13.93 -14.52 9.63
CA GLN B 165 -15.02 -14.78 8.68
C GLN B 165 -15.59 -16.18 8.79
N TYR B 166 -14.74 -17.17 9.03
CA TYR B 166 -15.21 -18.54 9.12
C TYR B 166 -16.07 -18.76 10.37
N VAL B 167 -15.55 -18.37 11.53
CA VAL B 167 -16.30 -18.53 12.78
C VAL B 167 -17.63 -17.73 12.83
N GLN B 168 -17.64 -16.54 12.23
CA GLN B 168 -18.89 -15.76 12.10
C GLN B 168 -19.94 -16.55 11.30
N ASP B 169 -19.50 -17.17 10.21
CA ASP B 169 -20.37 -17.99 9.36
C ASP B 169 -20.94 -19.20 10.12
N MET B 170 -20.10 -19.82 10.94
CA MET B 170 -20.52 -20.93 11.82
C MET B 170 -21.56 -20.48 12.85
N GLY B 171 -21.42 -19.25 13.33
CA GLY B 171 -22.23 -18.75 14.43
C GLY B 171 -21.67 -19.14 15.78
N GLN B 172 -20.34 -19.25 15.86
CA GLN B 172 -19.66 -19.77 17.04
C GLN B 172 -18.47 -18.90 17.42
N GLU B 173 -18.67 -17.58 17.45
CA GLU B 173 -17.58 -16.63 17.75
C GLU B 173 -17.03 -16.81 19.17
N ASP B 174 -17.90 -16.74 20.15
CA ASP B 174 -17.48 -16.75 21.56
C ASP B 174 -16.96 -18.13 21.97
N MET B 175 -17.58 -19.17 21.43
CA MET B 175 -17.20 -20.53 21.74
C MET B 175 -15.78 -20.85 21.24
N LEU B 176 -15.52 -20.56 19.96
CA LEU B 176 -14.31 -21.03 19.27
C LEU B 176 -13.21 -19.99 19.00
N LEU B 177 -13.59 -18.71 18.86
CA LEU B 177 -12.64 -17.70 18.37
C LEU B 177 -11.45 -17.54 19.33
N PRO B 178 -11.72 -17.42 20.64
CA PRO B 178 -10.59 -17.35 21.56
C PRO B 178 -9.53 -18.44 21.30
N LEU B 179 -9.93 -19.71 21.29
CA LEU B 179 -8.99 -20.81 21.05
C LEU B 179 -8.40 -20.82 19.64
N ALA B 180 -9.24 -20.77 18.61
CA ALA B 180 -8.74 -20.78 17.23
C ALA B 180 -7.75 -19.63 16.96
N TRP B 181 -8.03 -18.46 17.51
CA TRP B 181 -7.12 -17.30 17.41
C TRP B 181 -5.78 -17.60 18.12
N ARG B 182 -5.84 -18.33 19.22
CA ARG B 182 -4.65 -18.71 19.97
C ARG B 182 -3.81 -19.70 19.17
N ILE B 183 -4.45 -20.65 18.51
CA ILE B 183 -3.75 -21.66 17.72
C ILE B 183 -3.08 -21.01 16.51
N VAL B 184 -3.70 -19.99 15.93
CA VAL B 184 -3.09 -19.24 14.82
C VAL B 184 -1.79 -18.56 15.26
N ASN B 185 -1.79 -17.95 16.45
CA ASN B 185 -0.54 -17.40 17.02
C ASN B 185 0.57 -18.43 17.05
N ASP B 186 0.23 -19.65 17.48
CA ASP B 186 1.21 -20.72 17.63
C ASP B 186 1.77 -21.21 16.29
N THR B 187 0.98 -21.14 15.21
CA THR B 187 1.44 -21.63 13.91
C THR B 187 2.65 -20.84 13.42
N TYR B 188 2.83 -19.62 13.93
CA TYR B 188 4.00 -18.83 13.58
C TYR B 188 5.28 -19.37 14.21
N ARG B 189 5.16 -20.31 15.14
CA ARG B 189 6.32 -21.04 15.63
C ARG B 189 6.86 -22.03 14.57
N THR B 190 6.19 -22.11 13.42
CA THR B 190 6.54 -23.06 12.37
C THR B 190 6.68 -22.38 11.02
N ASP B 191 7.03 -23.16 10.00
CA ASP B 191 7.20 -22.65 8.64
C ASP B 191 5.90 -22.43 7.86
N LEU B 192 4.75 -22.73 8.48
CA LEU B 192 3.46 -22.79 7.76
C LEU B 192 3.14 -21.57 6.89
N CYS B 193 3.39 -20.38 7.40
CA CYS B 193 3.08 -19.15 6.66
C CYS B 193 3.91 -18.98 5.37
N LEU B 194 5.02 -19.73 5.26
CA LEU B 194 5.84 -19.72 4.04
C LEU B 194 5.38 -20.74 3.00
N LEU B 195 4.50 -21.66 3.41
CA LEU B 195 4.13 -22.81 2.58
C LEU B 195 2.66 -22.90 2.14
N TYR B 196 1.75 -22.21 2.84
CA TYR B 196 0.31 -22.30 2.58
C TYR B 196 -0.39 -20.94 2.57
N PRO B 197 -1.38 -20.75 1.67
CA PRO B 197 -2.19 -19.53 1.74
C PRO B 197 -2.88 -19.36 3.09
N PRO B 198 -2.98 -18.12 3.60
CA PRO B 198 -3.49 -17.91 4.95
C PRO B 198 -4.83 -18.56 5.28
N PHE B 199 -5.78 -18.57 4.36
CA PHE B 199 -7.09 -19.15 4.68
C PHE B 199 -6.96 -20.63 5.04
N MET B 200 -6.09 -21.36 4.34
CA MET B 200 -5.87 -22.78 4.63
C MET B 200 -5.40 -22.98 6.07
N ILE B 201 -4.49 -22.11 6.53
CA ILE B 201 -4.01 -22.17 7.92
C ILE B 201 -5.15 -21.88 8.91
N ALA B 202 -5.99 -20.91 8.57
CA ALA B 202 -7.19 -20.60 9.36
C ALA B 202 -8.09 -21.83 9.54
N LEU B 203 -8.39 -22.51 8.45
CA LEU B 203 -9.24 -23.71 8.49
C LEU B 203 -8.67 -24.79 9.40
N ALA B 204 -7.36 -25.04 9.29
CA ALA B 204 -6.66 -26.01 10.16
C ALA B 204 -6.74 -25.69 11.65
N CYS B 205 -6.55 -24.42 12.00
CA CYS B 205 -6.63 -23.97 13.40
C CYS B 205 -8.03 -24.05 13.96
N LEU B 206 -9.01 -23.66 13.15
CA LEU B 206 -10.42 -23.78 13.52
C LEU B 206 -10.84 -25.24 13.66
N HIS B 207 -10.29 -26.12 12.83
CA HIS B 207 -10.51 -27.57 12.97
C HIS B 207 -9.97 -28.09 14.32
N VAL B 208 -8.75 -27.70 14.67
CA VAL B 208 -8.14 -28.15 15.92
C VAL B 208 -8.86 -27.58 17.14
N ALA B 209 -9.30 -26.33 17.05
CA ALA B 209 -10.14 -25.73 18.10
C ALA B 209 -11.43 -26.51 18.30
N CYS B 210 -12.01 -26.99 17.19
CA CYS B 210 -13.25 -27.78 17.23
C CYS B 210 -13.04 -29.17 17.84
N VAL B 211 -11.90 -29.78 17.54
CA VAL B 211 -11.58 -31.10 18.08
C VAL B 211 -11.32 -30.98 19.58
N VAL B 212 -10.62 -29.93 19.98
CA VAL B 212 -10.29 -29.72 21.38
C VAL B 212 -11.54 -29.44 22.20
N GLN B 213 -12.46 -28.63 21.67
CA GLN B 213 -13.68 -28.26 22.37
C GLN B 213 -14.86 -29.22 22.15
N GLN B 214 -14.61 -30.35 21.49
CA GLN B 214 -15.62 -31.40 21.26
C GLN B 214 -16.85 -30.86 20.52
N LYS B 215 -16.59 -30.06 19.48
CA LYS B 215 -17.64 -29.48 18.66
C LYS B 215 -17.68 -30.22 17.32
N ASP B 216 -18.86 -30.67 16.93
CA ASP B 216 -19.06 -31.37 15.65
C ASP B 216 -19.24 -30.33 14.54
N ALA B 217 -18.24 -30.23 13.68
CA ALA B 217 -18.28 -29.30 12.54
C ALA B 217 -18.03 -30.03 11.21
N ARG B 218 -18.35 -31.32 11.17
CA ARG B 218 -18.07 -32.17 9.99
C ARG B 218 -18.83 -31.72 8.74
N GLN B 219 -20.12 -31.45 8.90
CA GLN B 219 -20.95 -30.98 7.79
C GLN B 219 -20.48 -29.64 7.23
N TRP B 220 -20.11 -28.72 8.13
CA TRP B 220 -19.62 -27.40 7.72
C TRP B 220 -18.34 -27.50 6.89
N PHE B 221 -17.38 -28.28 7.37
CA PHE B 221 -16.11 -28.49 6.66
C PHE B 221 -16.32 -29.17 5.30
N ALA B 222 -17.14 -30.22 5.29
CA ALA B 222 -17.51 -30.95 4.06
C ALA B 222 -18.13 -30.05 3.01
N GLU B 223 -18.99 -29.13 3.45
CA GLU B 223 -19.67 -28.17 2.58
C GLU B 223 -18.74 -27.12 1.93
N LEU B 224 -17.47 -27.10 2.33
CA LEU B 224 -16.48 -26.22 1.72
C LEU B 224 -15.86 -26.84 0.46
N SER B 225 -15.43 -25.98 -0.46
CA SER B 225 -14.71 -26.41 -1.66
C SER B 225 -13.23 -26.11 -1.49
N VAL B 226 -12.52 -27.02 -0.81
CA VAL B 226 -11.08 -26.86 -0.53
C VAL B 226 -10.39 -28.21 -0.65
N ASP B 227 -9.11 -28.20 -0.99
CA ASP B 227 -8.32 -29.42 -0.98
C ASP B 227 -8.16 -29.86 0.47
N MET B 228 -9.01 -30.81 0.88
CA MET B 228 -9.05 -31.24 2.28
C MET B 228 -7.81 -32.04 2.67
N GLU B 229 -7.00 -32.42 1.69
CA GLU B 229 -5.73 -33.10 1.94
C GLU B 229 -4.67 -32.08 2.38
N LYS B 230 -4.67 -30.92 1.73
CA LYS B 230 -3.75 -29.85 2.11
C LYS B 230 -3.98 -29.41 3.57
N ILE B 231 -5.25 -29.37 3.99
CA ILE B 231 -5.59 -28.96 5.36
C ILE B 231 -5.18 -30.03 6.39
N LEU B 232 -5.24 -31.29 5.99
CA LEU B 232 -4.76 -32.37 6.85
C LEU B 232 -3.24 -32.27 7.10
N GLU B 233 -2.48 -31.82 6.11
CA GLU B 233 -1.04 -31.60 6.28
C GLU B 233 -0.75 -30.54 7.35
N ILE B 234 -1.56 -29.48 7.37
CA ILE B 234 -1.38 -28.36 8.30
C ILE B 234 -1.80 -28.73 9.72
N ILE B 235 -2.90 -29.48 9.84
CA ILE B 235 -3.33 -29.98 11.14
C ILE B 235 -2.23 -30.85 11.74
N ARG B 236 -1.60 -31.69 10.92
CA ARG B 236 -0.48 -32.53 11.38
C ARG B 236 0.71 -31.72 11.93
N VAL B 237 1.07 -30.62 11.28
CA VAL B 237 2.18 -29.77 11.76
C VAL B 237 1.81 -29.06 13.09
N ILE B 238 0.55 -28.63 13.22
CA ILE B 238 0.04 -28.05 14.46
C ILE B 238 0.13 -29.05 15.61
N LEU B 239 -0.34 -30.27 15.37
CA LEU B 239 -0.27 -31.33 16.39
C LEU B 239 1.17 -31.68 16.75
N LYS B 240 2.05 -31.75 15.75
CA LYS B 240 3.46 -32.03 15.99
C LYS B 240 4.10 -30.91 16.82
N LEU B 241 3.71 -29.68 16.54
CA LEU B 241 4.22 -28.50 17.25
C LEU B 241 3.96 -28.55 18.75
N TYR B 242 2.75 -28.96 19.14
CA TYR B 242 2.41 -29.05 20.57
C TYR B 242 3.14 -30.18 21.28
N GLU B 243 3.58 -31.20 20.56
CA GLU B 243 4.46 -32.23 21.12
C GLU B 243 5.89 -31.71 21.28
N GLN B 244 6.34 -30.85 20.37
CA GLN B 244 7.66 -30.22 20.52
C GLN B 244 7.65 -29.25 21.72
N TRP B 245 6.58 -28.48 21.85
CA TRP B 245 6.37 -27.56 22.98
C TRP B 245 6.52 -28.28 24.34
N LYS B 246 5.78 -29.36 24.49
CA LYS B 246 5.84 -30.21 25.71
C LYS B 246 7.27 -30.66 26.03
N ASN B 247 8.02 -31.07 25.01
CA ASN B 247 9.34 -31.67 25.22
C ASN B 247 10.48 -30.67 25.17
N PHE B 248 10.17 -29.41 24.95
CA PHE B 248 11.17 -28.36 24.79
C PHE B 248 11.18 -27.49 26.04
N ASP B 249 12.31 -27.47 26.75
CA ASP B 249 12.50 -26.49 27.80
C ASP B 249 13.35 -25.37 27.23
N GLU B 250 12.68 -24.35 26.71
CA GLU B 250 13.34 -23.22 26.09
C GLU B 250 14.39 -22.60 27.01
N ARG B 251 14.09 -22.53 28.31
CA ARG B 251 14.93 -21.77 29.24
C ARG B 251 16.19 -22.49 29.69
N LYS B 252 16.20 -23.82 29.68
CA LYS B 252 17.42 -24.59 29.95
C LYS B 252 18.34 -24.64 28.74
N GLU B 253 17.74 -24.67 27.55
CA GLU B 253 18.43 -25.07 26.33
C GLU B 253 19.00 -23.94 25.47
N MET B 254 18.34 -22.78 25.47
CA MET B 254 18.61 -21.77 24.45
C MET B 254 20.01 -21.15 24.52
N ALA B 255 20.58 -21.03 25.73
CA ALA B 255 21.91 -20.43 25.85
C ALA B 255 22.93 -21.26 25.10
N THR B 256 22.81 -22.58 25.21
CA THR B 256 23.69 -23.51 24.52
C THR B 256 23.42 -23.56 23.01
N ILE B 257 22.15 -23.56 22.62
CA ILE B 257 21.79 -23.55 21.20
C ILE B 257 22.30 -22.28 20.51
N LEU B 258 22.05 -21.12 21.14
CA LEU B 258 22.52 -19.83 20.63
C LEU B 258 24.06 -19.73 20.53
N SER B 259 24.77 -20.49 21.36
CA SER B 259 26.23 -20.55 21.28
C SER B 259 26.71 -21.37 20.09
N LYS B 260 25.89 -22.31 19.64
CA LYS B 260 26.20 -23.15 18.45
C LYS B 260 25.87 -22.48 17.11
N MET B 261 25.11 -21.40 17.13
CA MET B 261 24.80 -20.67 15.89
C MET B 261 26.06 -20.27 15.18
N PRO B 262 26.09 -20.40 13.83
CA PRO B 262 27.25 -19.86 13.12
C PRO B 262 27.34 -18.34 13.33
N LYS B 263 28.56 -17.84 13.47
CA LYS B 263 28.77 -16.46 13.87
C LYS B 263 29.30 -15.60 12.71
N PRO B 264 28.85 -14.35 12.62
CA PRO B 264 29.24 -13.46 11.51
C PRO B 264 30.70 -13.12 11.54
N LYS B 265 31.42 -13.41 10.45
CA LYS B 265 32.84 -13.11 10.36
C LYS B 265 33.07 -11.60 10.18
N PRO B 266 34.09 -11.05 10.84
CA PRO B 266 34.46 -9.65 10.64
C PRO B 266 35.40 -9.51 9.44
N PRO B 267 35.65 -8.28 8.99
CA PRO B 267 36.58 -8.05 7.89
C PRO B 267 38.03 -8.45 8.22
N PRO B 268 38.88 -8.65 7.18
CA PRO B 268 40.26 -9.11 7.39
C PRO B 268 41.17 -8.07 8.02
#